data_2A88
#
_entry.id   2A88
#
_cell.length_a   119.818
_cell.length_b   44.983
_cell.length_c   82.136
_cell.angle_alpha   90.00
_cell.angle_beta   125.50
_cell.angle_gamma   90.00
#
_symmetry.space_group_name_H-M   'C 1 2 1'
#
loop_
_entity.id
_entity.type
_entity.pdbx_description
1 polymer 'Pantoate--beta-alanine ligase'
2 non-polymer 'SULFATE ION'
3 non-polymer GLYCEROL
4 water water
#
_entity_poly.entity_id   1
_entity_poly.type   'polypeptide(L)'
_entity_poly.pdbx_seq_one_letter_code
;MAIPAFHPGELNVYSAPGDVADVSRALRLTGRRVMLVPTMGALHEGHLALVRAAKRVPGSVVVVSIFVNPMQFGAGGDLD
AYPRTPDDDLAQLRAEGVEIAFTPTTAAMYPDGLRTTVQPGPLAAELEGGPRPTHFAGVLTVVLKLLQIVRPDRVFFGEK
DYQQLVLIRQLVADFNLDVAVVGVPTVREADGLAMSSRNRYLDPAQRAAAVALSAALTAAAHAATAGAQAALDAARAVLD
AAPGVAVDYLELRDIGLGPMPLNGSGRLLVAARLGTTRLLDNIAIEIGTFAGTDRPDGYR
;
_entity_poly.pdbx_strand_id   A
#
loop_
_chem_comp.id
_chem_comp.type
_chem_comp.name
_chem_comp.formula
GOL non-polymer GLYCEROL 'C3 H8 O3'
SO4 non-polymer 'SULFATE ION' 'O4 S -2'
#
# COMPACT_ATOMS: atom_id res chain seq x y z
N ILE A 3 -32.59 -2.76 1.25
CA ILE A 3 -31.19 -2.65 1.80
C ILE A 3 -30.81 -3.91 2.62
N PRO A 4 -29.58 -4.39 2.45
CA PRO A 4 -29.09 -5.58 3.16
C PRO A 4 -29.01 -5.29 4.65
N ALA A 5 -29.00 -6.34 5.46
CA ALA A 5 -28.93 -6.18 6.89
C ALA A 5 -27.55 -5.61 7.23
N PHE A 6 -27.52 -4.70 8.18
CA PHE A 6 -26.30 -4.24 8.81
C PHE A 6 -26.50 -4.24 10.32
N HIS A 7 -25.57 -4.90 11.02
CA HIS A 7 -25.57 -4.99 12.47
C HIS A 7 -24.44 -4.15 13.00
N PRO A 8 -24.82 -3.01 13.59
CA PRO A 8 -23.83 -2.06 14.09
C PRO A 8 -22.97 -2.69 15.18
N GLY A 9 -21.69 -2.37 15.15
CA GLY A 9 -20.76 -2.83 16.16
C GLY A 9 -20.40 -4.31 16.04
N GLU A 10 -20.77 -4.93 14.91
CA GLU A 10 -20.35 -6.31 14.60
C GLU A 10 -19.74 -6.29 13.21
N LEU A 11 -19.02 -7.37 12.92
CA LEU A 11 -18.50 -7.55 11.55
C LEU A 11 -19.67 -7.95 10.61
N ASN A 12 -19.79 -7.24 9.49
CA ASN A 12 -20.79 -7.53 8.44
C ASN A 12 -20.03 -7.80 7.15
N VAL A 13 -20.23 -8.96 6.55
CA VAL A 13 -19.43 -9.28 5.36
C VAL A 13 -20.33 -9.20 4.14
N TYR A 14 -19.86 -8.50 3.10
CA TYR A 14 -20.64 -8.43 1.84
C TYR A 14 -19.75 -8.73 0.68
N SER A 15 -20.29 -9.36 -0.36
CA SER A 15 -19.45 -9.62 -1.54
C SER A 15 -20.02 -8.92 -2.76
N ALA A 16 -21.31 -8.57 -2.77
CA ALA A 16 -21.89 -7.81 -3.90
C ALA A 16 -21.61 -6.31 -3.78
N PRO A 17 -21.07 -5.71 -4.84
CA PRO A 17 -20.79 -4.27 -4.83
C PRO A 17 -22.04 -3.50 -4.44
N GLY A 18 -23.21 -3.88 -5.00
CA GLY A 18 -24.45 -3.15 -4.68
C GLY A 18 -24.83 -3.18 -3.20
N ASP A 19 -24.48 -4.28 -2.48
CA ASP A 19 -24.84 -4.40 -1.08
C ASP A 19 -24.00 -3.41 -0.27
N VAL A 20 -22.70 -3.44 -0.48
CA VAL A 20 -21.84 -2.44 0.18
C VAL A 20 -22.21 -1.00 -0.14
N ALA A 21 -22.49 -0.72 -1.41
CA ALA A 21 -22.84 0.64 -1.83
C ALA A 21 -24.08 1.08 -1.04
N ASP A 22 -25.08 0.21 -0.94
CA ASP A 22 -26.33 0.58 -0.30
C ASP A 22 -26.12 0.82 1.23
N VAL A 23 -25.36 -0.07 1.87
CA VAL A 23 -25.17 0.01 3.33
C VAL A 23 -24.32 1.25 3.62
N SER A 24 -23.26 1.45 2.81
CA SER A 24 -22.40 2.60 3.02
C SER A 24 -23.22 3.91 2.89
N ARG A 25 -24.04 4.02 1.85
CA ARG A 25 -24.82 5.23 1.66
C ARG A 25 -25.74 5.46 2.87
N ALA A 26 -26.38 4.39 3.35
CA ALA A 26 -27.33 4.53 4.47
C ALA A 26 -26.58 5.02 5.72
N LEU A 27 -25.39 4.46 5.95
CA LEU A 27 -24.62 4.81 7.15
C LEU A 27 -24.17 6.26 7.07
N ARG A 28 -23.69 6.68 5.90
CA ARG A 28 -23.20 8.05 5.73
C ARG A 28 -24.31 9.06 6.00
N LEU A 29 -25.54 8.71 5.63
CA LEU A 29 -26.64 9.62 5.85
C LEU A 29 -26.91 9.87 7.32
N THR A 30 -26.49 8.94 8.18
CA THR A 30 -26.69 9.11 9.63
C THR A 30 -25.59 9.97 10.26
N GLY A 31 -24.60 10.35 9.47
CA GLY A 31 -23.47 11.11 9.96
C GLY A 31 -22.23 10.31 10.30
N ARG A 32 -22.28 8.98 10.11
CA ARG A 32 -21.13 8.16 10.36
C ARG A 32 -20.20 8.26 9.16
N ARG A 33 -18.98 8.67 9.39
CA ARG A 33 -18.04 8.83 8.27
C ARG A 33 -17.52 7.45 7.86
N VAL A 34 -17.35 7.22 6.57
CA VAL A 34 -16.95 5.90 6.10
C VAL A 34 -15.46 5.94 5.73
N MET A 35 -14.70 4.97 6.26
CA MET A 35 -13.24 4.93 6.04
C MET A 35 -13.01 3.64 5.24
N LEU A 36 -12.13 3.70 4.25
CA LEU A 36 -11.87 2.50 3.42
C LEU A 36 -10.42 2.10 3.54
N VAL A 37 -10.19 0.80 3.83
CA VAL A 37 -8.80 0.24 3.88
C VAL A 37 -8.74 -0.87 2.82
N PRO A 38 -8.21 -0.59 1.62
CA PRO A 38 -8.14 -1.63 0.59
C PRO A 38 -7.01 -2.61 0.85
N THR A 39 -7.32 -3.90 0.78
CA THR A 39 -6.24 -4.90 0.95
C THR A 39 -6.37 -6.07 0.00
N MET A 40 -5.31 -6.87 -0.05
CA MET A 40 -5.38 -8.13 -0.82
C MET A 40 -5.45 -9.33 0.13
N GLY A 41 -5.89 -9.13 1.36
CA GLY A 41 -5.96 -10.24 2.33
C GLY A 41 -4.58 -10.62 2.86
N ALA A 42 -4.50 -11.78 3.51
CA ALA A 42 -3.23 -12.23 4.16
C ALA A 42 -2.75 -11.15 5.11
N LEU A 43 -3.63 -10.76 6.02
CA LEU A 43 -3.45 -9.56 6.81
C LEU A 43 -2.37 -9.75 7.87
N HIS A 44 -1.62 -8.69 8.12
CA HIS A 44 -0.63 -8.67 9.22
C HIS A 44 -0.74 -7.34 9.93
N GLU A 45 0.18 -7.07 10.87
CA GLU A 45 0.08 -5.87 11.73
C GLU A 45 0.13 -4.57 10.97
N GLY A 46 0.80 -4.57 9.83
CA GLY A 46 0.85 -3.42 8.94
C GLY A 46 -0.57 -3.03 8.50
N HIS A 47 -1.36 -4.04 8.13
CA HIS A 47 -2.74 -3.78 7.81
C HIS A 47 -3.53 -3.33 9.03
N LEU A 48 -3.30 -3.97 10.18
CA LEU A 48 -4.04 -3.60 11.41
C LEU A 48 -3.75 -2.12 11.74
N ALA A 49 -2.54 -1.64 11.41
CA ALA A 49 -2.24 -0.23 11.63
C ALA A 49 -3.11 0.69 10.79
N LEU A 50 -3.38 0.28 9.53
CA LEU A 50 -4.25 1.06 8.67
C LEU A 50 -5.63 1.06 9.31
N VAL A 51 -6.08 -0.12 9.75
CA VAL A 51 -7.44 -0.18 10.37
C VAL A 51 -7.51 0.72 11.60
N ARG A 52 -6.50 0.66 12.49
CA ARG A 52 -6.47 1.49 13.69
C ARG A 52 -6.44 2.97 13.36
N ALA A 53 -5.72 3.36 12.29
CA ALA A 53 -5.75 4.77 11.88
C ALA A 53 -7.16 5.18 11.44
N ALA A 54 -7.86 4.28 10.75
CA ALA A 54 -9.21 4.58 10.30
C ALA A 54 -10.14 4.70 11.53
N LYS A 55 -9.91 3.84 12.52
CA LYS A 55 -10.80 3.77 13.70
C LYS A 55 -10.66 4.99 14.59
N ARG A 56 -9.54 5.70 14.48
CA ARG A 56 -9.31 6.91 15.29
C ARG A 56 -10.23 8.03 14.90
N VAL A 57 -10.86 7.95 13.73
CA VAL A 57 -11.80 8.98 13.28
C VAL A 57 -13.16 8.74 14.00
N PRO A 58 -13.60 9.60 14.92
CA PRO A 58 -14.77 9.26 15.74
C PRO A 58 -16.05 8.89 14.96
N GLY A 59 -16.63 7.74 15.35
CA GLY A 59 -17.91 7.30 14.77
C GLY A 59 -17.76 6.60 13.43
N SER A 60 -16.51 6.46 12.96
CA SER A 60 -16.28 5.96 11.61
C SER A 60 -16.78 4.52 11.48
N VAL A 61 -17.28 4.24 10.29
CA VAL A 61 -17.53 2.87 9.92
C VAL A 61 -16.30 2.51 9.09
N VAL A 62 -15.57 1.50 9.52
CA VAL A 62 -14.41 1.09 8.78
C VAL A 62 -14.81 -0.03 7.83
N VAL A 63 -14.49 0.16 6.55
CA VAL A 63 -14.74 -0.85 5.53
C VAL A 63 -13.37 -1.35 5.11
N VAL A 64 -13.14 -2.64 5.22
CA VAL A 64 -11.91 -3.22 4.72
C VAL A 64 -12.23 -4.08 3.52
N SER A 65 -11.63 -3.81 2.36
CA SER A 65 -11.88 -4.69 1.23
C SER A 65 -10.76 -5.70 1.12
N ILE A 66 -11.11 -6.90 0.70
CA ILE A 66 -10.11 -7.94 0.39
C ILE A 66 -10.40 -8.39 -1.01
N PHE A 67 -9.45 -8.14 -1.90
CA PHE A 67 -9.67 -8.55 -3.30
C PHE A 67 -8.31 -8.70 -3.91
N VAL A 68 -8.06 -9.86 -4.52
CA VAL A 68 -6.82 -10.07 -5.29
C VAL A 68 -7.07 -9.78 -6.78
N ASN A 69 -6.37 -8.78 -7.33
CA ASN A 69 -6.61 -8.38 -8.70
C ASN A 69 -6.06 -9.44 -9.64
N PRO A 70 -6.84 -9.88 -10.62
CA PRO A 70 -6.39 -10.91 -11.55
C PRO A 70 -5.15 -10.47 -12.32
N MET A 71 -4.32 -11.43 -12.70
CA MET A 71 -3.17 -11.17 -13.55
C MET A 71 -3.59 -10.78 -14.97
N GLN A 72 -3.06 -9.65 -15.43
CA GLN A 72 -3.25 -9.23 -16.81
C GLN A 72 -2.29 -10.01 -17.75
N PHE A 73 -2.69 -10.16 -19.02
CA PHE A 73 -1.92 -10.92 -20.02
C PHE A 73 -0.42 -10.59 -20.04
N GLY A 74 0.38 -11.62 -20.29
CA GLY A 74 1.83 -11.49 -20.38
C GLY A 74 2.55 -11.10 -19.10
N ALA A 75 1.80 -10.95 -17.98
CA ALA A 75 2.34 -10.60 -16.67
C ALA A 75 2.62 -11.82 -15.78
N ASP A 87 -7.71 -19.54 6.79
CA ASP A 87 -7.44 -18.12 6.63
C ASP A 87 -8.20 -17.31 7.72
N ASP A 88 -7.48 -16.50 8.49
CA ASP A 88 -8.10 -15.85 9.64
C ASP A 88 -8.26 -14.33 9.44
N ASP A 89 -8.26 -13.89 8.17
CA ASP A 89 -8.38 -12.45 7.86
C ASP A 89 -9.64 -11.85 8.50
N LEU A 90 -10.80 -12.48 8.31
CA LEU A 90 -12.00 -11.89 8.86
C LEU A 90 -12.03 -11.89 10.40
N ALA A 91 -11.53 -12.95 11.01
CA ALA A 91 -11.39 -12.95 12.45
C ALA A 91 -10.52 -11.77 12.97
N GLN A 92 -9.43 -11.49 12.28
CA GLN A 92 -8.55 -10.39 12.67
C GLN A 92 -9.32 -9.08 12.56
N LEU A 93 -10.04 -8.92 11.47
CA LEU A 93 -10.84 -7.69 11.31
C LEU A 93 -11.92 -7.59 12.38
N ARG A 94 -12.63 -8.68 12.67
CA ARG A 94 -13.66 -8.61 13.70
C ARG A 94 -13.06 -8.15 15.06
N ALA A 95 -11.87 -8.70 15.40
CA ALA A 95 -11.17 -8.36 16.65
C ALA A 95 -10.77 -6.87 16.71
N GLU A 96 -10.54 -6.26 15.53
CA GLU A 96 -10.25 -4.83 15.48
C GLU A 96 -11.46 -3.90 15.50
N GLY A 97 -12.67 -4.47 15.60
CA GLY A 97 -13.88 -3.66 15.55
C GLY A 97 -14.27 -3.15 14.18
N VAL A 98 -13.77 -3.82 13.12
CA VAL A 98 -14.18 -3.49 11.73
C VAL A 98 -15.63 -3.92 11.56
N GLU A 99 -16.48 -3.05 11.05
CA GLU A 99 -17.94 -3.37 10.87
C GLU A 99 -18.26 -3.86 9.48
N ILE A 100 -17.40 -3.56 8.50
CA ILE A 100 -17.70 -4.01 7.14
C ILE A 100 -16.48 -4.62 6.47
N ALA A 101 -16.61 -5.88 6.03
CA ALA A 101 -15.59 -6.48 5.17
C ALA A 101 -16.21 -6.68 3.80
N PHE A 102 -15.52 -6.21 2.76
CA PHE A 102 -16.06 -6.31 1.40
C PHE A 102 -15.17 -7.29 0.63
N THR A 103 -15.74 -8.44 0.22
CA THR A 103 -14.94 -9.54 -0.34
C THR A 103 -15.51 -9.99 -1.70
N PRO A 104 -15.43 -9.12 -2.71
CA PRO A 104 -16.11 -9.43 -3.99
C PRO A 104 -15.34 -10.52 -4.74
N THR A 105 -16.04 -11.24 -5.60
CA THR A 105 -15.40 -12.16 -6.54
C THR A 105 -14.87 -11.38 -7.74
N THR A 106 -13.98 -12.01 -8.50
CA THR A 106 -13.53 -11.42 -9.75
C THR A 106 -14.70 -11.14 -10.67
N ALA A 107 -15.66 -12.07 -10.73
CA ALA A 107 -16.79 -11.89 -11.65
C ALA A 107 -17.62 -10.66 -11.26
N ALA A 108 -17.77 -10.40 -9.95
CA ALA A 108 -18.56 -9.24 -9.49
C ALA A 108 -17.82 -7.93 -9.80
N MET A 109 -16.50 -7.98 -9.70
CA MET A 109 -15.69 -6.78 -10.03
C MET A 109 -15.54 -6.55 -11.51
N TYR A 110 -15.50 -7.64 -12.30
CA TYR A 110 -15.26 -7.57 -13.76
C TYR A 110 -16.38 -8.32 -14.53
N PRO A 111 -17.63 -7.90 -14.35
CA PRO A 111 -18.76 -8.64 -14.98
C PRO A 111 -18.76 -8.50 -16.50
N ASP A 112 -18.02 -7.52 -17.01
CA ASP A 112 -17.86 -7.26 -18.44
C ASP A 112 -16.41 -7.40 -18.88
N GLY A 113 -15.62 -8.15 -18.11
CA GLY A 113 -14.20 -8.31 -18.38
C GLY A 113 -13.41 -7.03 -18.24
N LEU A 114 -12.30 -6.96 -18.96
CA LEU A 114 -11.48 -5.74 -18.92
C LEU A 114 -11.99 -4.86 -20.01
N ARG A 115 -12.83 -3.88 -19.62
CA ARG A 115 -13.49 -3.04 -20.65
C ARG A 115 -13.00 -1.60 -20.45
N THR A 116 -13.73 -0.74 -19.75
CA THR A 116 -13.13 0.56 -19.38
C THR A 116 -12.11 0.37 -18.26
N THR A 117 -10.93 0.98 -18.39
CA THR A 117 -9.92 0.89 -17.34
C THR A 117 -9.22 2.23 -17.15
N VAL A 118 -8.41 2.29 -16.09
CA VAL A 118 -7.65 3.51 -15.81
C VAL A 118 -6.27 3.36 -16.43
N GLN A 119 -5.84 4.41 -17.15
CA GLN A 119 -4.51 4.47 -17.75
C GLN A 119 -3.69 5.42 -16.86
N PRO A 120 -2.77 4.90 -16.04
CA PRO A 120 -1.96 5.83 -15.21
C PRO A 120 -1.02 6.71 -16.03
N GLY A 121 -0.51 7.72 -15.37
CA GLY A 121 0.57 8.57 -15.92
C GLY A 121 1.88 7.79 -16.01
N PRO A 122 2.88 8.43 -16.56
CA PRO A 122 4.17 7.74 -16.87
C PRO A 122 4.95 7.21 -15.64
N LEU A 123 4.63 7.74 -14.44
CA LEU A 123 5.26 7.18 -13.25
C LEU A 123 4.99 5.68 -13.12
N ALA A 124 3.85 5.22 -13.67
CA ALA A 124 3.50 3.80 -13.58
C ALA A 124 4.46 2.90 -14.38
N ALA A 125 5.29 3.47 -15.23
CA ALA A 125 6.24 2.66 -16.05
C ALA A 125 7.62 2.57 -15.39
N GLU A 126 7.81 3.34 -14.33
CA GLU A 126 9.08 3.45 -13.62
C GLU A 126 9.09 2.52 -12.41
N LEU A 127 10.31 2.27 -11.86
CA LEU A 127 10.45 1.62 -10.53
C LEU A 127 9.68 0.27 -10.61
N GLU A 128 8.63 0.09 -9.80
CA GLU A 128 7.94 -1.21 -9.79
C GLU A 128 7.27 -1.50 -11.14
N GLY A 129 7.01 -0.44 -11.93
CA GLY A 129 6.32 -0.60 -13.25
C GLY A 129 7.29 -1.07 -14.32
N GLY A 130 8.59 -1.07 -14.01
CA GLY A 130 9.60 -1.51 -14.99
C GLY A 130 9.34 -2.99 -15.22
N PRO A 131 9.47 -3.80 -14.18
CA PRO A 131 9.21 -5.24 -14.31
C PRO A 131 7.75 -5.56 -14.67
N ARG A 132 6.80 -4.72 -14.26
CA ARG A 132 5.37 -5.04 -14.41
C ARG A 132 4.64 -3.84 -14.98
N PRO A 133 4.76 -3.61 -16.30
CA PRO A 133 4.21 -2.39 -16.89
C PRO A 133 2.68 -2.24 -16.87
N THR A 134 1.92 -3.30 -16.56
CA THR A 134 0.45 -3.14 -16.47
C THR A 134 -0.05 -3.20 -15.01
N HIS A 135 0.89 -3.40 -14.06
CA HIS A 135 0.51 -3.57 -12.65
C HIS A 135 -0.28 -2.36 -12.15
N PHE A 136 0.22 -1.15 -12.35
CA PHE A 136 -0.47 -0.02 -11.70
C PHE A 136 -1.77 0.32 -12.40
N ALA A 137 -1.88 0.04 -13.69
CA ALA A 137 -3.21 0.20 -14.32
C ALA A 137 -4.23 -0.68 -13.59
N GLY A 138 -3.85 -1.92 -13.24
CA GLY A 138 -4.78 -2.79 -12.48
C GLY A 138 -5.09 -2.21 -11.12
N VAL A 139 -4.02 -1.82 -10.44
CA VAL A 139 -4.22 -1.19 -9.08
C VAL A 139 -5.15 0.01 -9.14
N LEU A 140 -4.88 1.00 -10.02
CA LEU A 140 -5.70 2.22 -10.04
C LEU A 140 -7.13 1.92 -10.51
N THR A 141 -7.28 0.92 -11.41
CA THR A 141 -8.65 0.56 -11.86
C THR A 141 -9.43 0.03 -10.64
N VAL A 142 -8.83 -0.91 -9.92
CA VAL A 142 -9.48 -1.48 -8.72
C VAL A 142 -9.76 -0.46 -7.67
N VAL A 143 -8.77 0.37 -7.36
CA VAL A 143 -8.97 1.38 -6.33
C VAL A 143 -10.07 2.35 -6.73
N LEU A 144 -10.06 2.77 -8.00
CA LEU A 144 -11.13 3.66 -8.44
C LEU A 144 -12.51 3.02 -8.21
N LYS A 145 -12.67 1.77 -8.63
CA LYS A 145 -13.93 1.07 -8.41
C LYS A 145 -14.29 1.00 -6.93
N LEU A 146 -13.34 0.61 -6.08
CA LEU A 146 -13.65 0.49 -4.63
C LEU A 146 -14.08 1.84 -4.09
N LEU A 147 -13.42 2.93 -4.53
CA LEU A 147 -13.81 4.26 -4.09
C LEU A 147 -15.23 4.63 -4.51
N GLN A 148 -15.62 4.20 -5.72
CA GLN A 148 -16.96 4.55 -6.15
C GLN A 148 -18.04 3.69 -5.50
N ILE A 149 -17.67 2.43 -5.22
CA ILE A 149 -18.61 1.50 -4.53
C ILE A 149 -18.83 1.96 -3.10
N VAL A 150 -17.75 2.23 -2.40
CA VAL A 150 -17.83 2.54 -0.95
C VAL A 150 -18.10 4.02 -0.62
N ARG A 151 -17.66 4.92 -1.50
CA ARG A 151 -17.70 6.37 -1.34
C ARG A 151 -17.21 6.78 0.06
N PRO A 152 -15.99 6.41 0.42
CA PRO A 152 -15.48 6.78 1.74
C PRO A 152 -15.11 8.24 1.82
N ASP A 153 -15.14 8.78 3.04
CA ASP A 153 -14.50 10.07 3.30
C ASP A 153 -12.98 10.07 3.22
N ARG A 154 -12.36 8.96 3.63
CA ARG A 154 -10.88 8.85 3.65
C ARG A 154 -10.52 7.44 3.28
N VAL A 155 -9.40 7.30 2.57
CA VAL A 155 -8.95 5.96 2.17
C VAL A 155 -7.52 5.84 2.64
N PHE A 156 -7.15 4.66 3.16
CA PHE A 156 -5.85 4.52 3.90
C PHE A 156 -4.97 3.55 3.17
N PHE A 157 -3.70 3.97 2.95
CA PHE A 157 -2.71 3.12 2.26
C PHE A 157 -1.41 3.16 3.05
N GLY A 158 -0.65 2.07 3.01
CA GLY A 158 0.63 2.04 3.72
C GLY A 158 1.71 2.73 2.91
N GLU A 159 2.64 3.37 3.60
CA GLU A 159 3.80 3.97 2.89
C GLU A 159 4.77 2.91 2.39
N LYS A 160 4.64 1.67 2.87
CA LYS A 160 5.57 0.63 2.38
C LYS A 160 5.54 0.55 0.85
N ASP A 161 4.32 0.59 0.30
CA ASP A 161 4.19 0.63 -1.19
C ASP A 161 4.06 2.11 -1.60
N TYR A 162 5.22 2.79 -1.52
CA TYR A 162 5.20 4.24 -1.67
C TYR A 162 4.80 4.66 -3.08
N GLN A 163 5.33 4.00 -4.10
CA GLN A 163 4.96 4.37 -5.46
C GLN A 163 3.46 4.17 -5.67
N GLN A 164 2.91 3.07 -5.15
CA GLN A 164 1.45 2.90 -5.19
C GLN A 164 0.72 4.09 -4.56
N LEU A 165 1.18 4.51 -3.37
CA LEU A 165 0.52 5.64 -2.64
C LEU A 165 0.57 6.90 -3.52
N VAL A 166 1.74 7.20 -4.09
CA VAL A 166 1.89 8.40 -4.93
C VAL A 166 0.93 8.33 -6.14
N LEU A 167 0.84 7.16 -6.78
CA LEU A 167 -0.04 6.96 -7.93
C LEU A 167 -1.49 7.10 -7.53
N ILE A 168 -1.84 6.66 -6.31
CA ILE A 168 -3.23 6.86 -5.87
C ILE A 168 -3.49 8.34 -5.66
N ARG A 169 -2.51 9.08 -5.12
CA ARG A 169 -2.70 10.52 -4.99
C ARG A 169 -2.89 11.12 -6.38
N GLN A 170 -2.16 10.61 -7.37
CA GLN A 170 -2.34 11.15 -8.72
C GLN A 170 -3.74 10.84 -9.25
N LEU A 171 -4.21 9.61 -9.03
CA LEU A 171 -5.57 9.24 -9.47
C LEU A 171 -6.59 10.19 -8.86
N VAL A 172 -6.44 10.45 -7.57
CA VAL A 172 -7.45 11.27 -6.84
C VAL A 172 -7.41 12.70 -7.35
N ALA A 173 -6.21 13.24 -7.56
CA ALA A 173 -6.06 14.63 -8.05
C ALA A 173 -6.63 14.72 -9.46
N ASP A 174 -6.21 13.76 -10.30
CA ASP A 174 -6.45 13.84 -11.73
C ASP A 174 -7.93 13.61 -12.10
N PHE A 175 -8.62 12.79 -11.31
CA PHE A 175 -10.06 12.54 -11.56
C PHE A 175 -10.94 13.34 -10.59
N ASN A 176 -10.35 14.28 -9.83
CA ASN A 176 -11.14 15.20 -8.97
C ASN A 176 -11.98 14.40 -7.92
N LEU A 177 -11.40 13.31 -7.43
CA LEU A 177 -12.13 12.46 -6.43
C LEU A 177 -12.20 13.15 -5.10
N ASP A 178 -13.38 13.10 -4.51
CA ASP A 178 -13.62 13.82 -3.28
C ASP A 178 -13.38 12.83 -2.12
N VAL A 179 -12.12 12.48 -1.92
CA VAL A 179 -11.71 11.55 -0.85
C VAL A 179 -10.34 12.04 -0.37
N ALA A 180 -10.08 11.93 0.93
CA ALA A 180 -8.76 12.21 1.46
C ALA A 180 -7.94 10.92 1.45
N VAL A 181 -6.75 11.00 0.89
CA VAL A 181 -5.84 9.86 0.86
C VAL A 181 -4.88 9.98 2.05
N VAL A 182 -4.84 8.94 2.89
CA VAL A 182 -4.09 8.99 4.15
C VAL A 182 -3.00 7.95 4.05
N GLY A 183 -1.73 8.39 4.09
CA GLY A 183 -0.60 7.43 4.02
C GLY A 183 -0.24 7.14 5.45
N VAL A 184 -0.08 5.85 5.78
CA VAL A 184 0.26 5.45 7.14
C VAL A 184 1.70 4.89 7.17
N PRO A 185 2.53 5.33 8.12
CA PRO A 185 3.94 4.82 8.18
C PRO A 185 4.02 3.29 8.22
N THR A 186 5.09 2.78 7.62
CA THR A 186 5.34 1.33 7.56
C THR A 186 5.51 0.77 8.94
N VAL A 187 4.86 -0.36 9.21
CA VAL A 187 5.03 -1.08 10.47
C VAL A 187 6.15 -2.07 10.25
N ARG A 188 7.07 -2.12 11.23
CA ARG A 188 8.29 -2.92 11.07
C ARG A 188 8.41 -3.92 12.18
N GLU A 189 9.12 -5.02 11.88
CA GLU A 189 9.58 -5.92 12.93
C GLU A 189 10.59 -5.22 13.81
N ALA A 190 10.93 -5.85 14.95
CA ALA A 190 11.80 -5.23 15.96
C ALA A 190 13.15 -4.84 15.40
N ASP A 191 13.63 -5.62 14.41
CA ASP A 191 14.93 -5.33 13.81
C ASP A 191 14.86 -4.35 12.65
N GLY A 192 13.64 -3.92 12.30
CA GLY A 192 13.50 -2.95 11.20
C GLY A 192 12.84 -3.48 9.95
N LEU A 193 12.77 -4.82 9.79
CA LEU A 193 12.19 -5.40 8.55
C LEU A 193 10.72 -4.95 8.36
N ALA A 194 10.44 -4.35 7.20
CA ALA A 194 9.09 -3.89 6.90
C ALA A 194 8.16 -5.08 6.86
N MET A 195 7.05 -5.06 7.59
CA MET A 195 6.12 -6.21 7.50
C MET A 195 5.51 -6.33 6.11
N SER A 196 5.32 -7.57 5.66
CA SER A 196 4.73 -7.84 4.34
C SER A 196 4.36 -9.29 4.33
N SER A 197 3.26 -9.63 3.64
CA SER A 197 2.93 -11.03 3.47
C SER A 197 4.08 -11.78 2.76
N ARG A 198 4.86 -11.09 1.95
CA ARG A 198 6.00 -11.76 1.26
C ARG A 198 7.05 -12.30 2.22
N ASN A 199 7.09 -11.74 3.43
CA ASN A 199 8.11 -12.18 4.40
C ASN A 199 7.92 -13.66 4.75
N ARG A 200 6.70 -14.16 4.60
CA ARG A 200 6.42 -15.56 4.89
C ARG A 200 7.21 -16.53 4.00
N TYR A 201 7.64 -16.04 2.84
CA TYR A 201 8.38 -16.92 1.92
C TYR A 201 9.86 -17.08 2.26
N LEU A 202 10.36 -16.26 3.18
CA LEU A 202 11.79 -16.28 3.52
C LEU A 202 12.11 -17.42 4.49
N ASP A 203 13.20 -18.14 4.26
CA ASP A 203 13.66 -19.10 5.28
C ASP A 203 14.39 -18.34 6.41
N PRO A 204 14.74 -18.98 7.52
CA PRO A 204 15.39 -18.18 8.62
C PRO A 204 16.64 -17.38 8.21
N ALA A 205 17.51 -17.96 7.40
CA ALA A 205 18.73 -17.25 6.95
C ALA A 205 18.39 -16.05 6.08
N GLN A 206 17.46 -16.23 5.14
CA GLN A 206 16.95 -15.14 4.31
C GLN A 206 16.26 -14.07 5.15
N ARG A 207 15.51 -14.50 6.15
CA ARG A 207 14.82 -13.51 7.02
C ARG A 207 15.85 -12.64 7.78
N ALA A 208 16.91 -13.30 8.24
CA ALA A 208 17.98 -12.55 8.91
C ALA A 208 18.69 -11.62 7.95
N ALA A 209 18.98 -12.08 6.75
CA ALA A 209 19.68 -11.23 5.76
C ALA A 209 18.79 -10.06 5.30
N ALA A 210 17.47 -10.30 5.29
CA ALA A 210 16.53 -9.24 4.85
C ALA A 210 16.52 -7.94 5.66
N VAL A 211 17.06 -7.99 6.88
CA VAL A 211 17.21 -6.75 7.67
C VAL A 211 18.06 -5.72 6.92
N ALA A 212 18.88 -6.19 5.96
CA ALA A 212 19.74 -5.26 5.20
C ALA A 212 18.97 -4.14 4.50
N LEU A 213 17.73 -4.40 4.03
CA LEU A 213 17.03 -3.32 3.32
C LEU A 213 16.79 -2.13 4.25
N SER A 214 16.21 -2.39 5.41
CA SER A 214 15.87 -1.30 6.36
C SER A 214 17.17 -0.73 6.93
N ALA A 215 18.15 -1.61 7.16
CA ALA A 215 19.44 -1.09 7.67
C ALA A 215 20.04 -0.13 6.67
N ALA A 216 20.01 -0.49 5.41
CA ALA A 216 20.59 0.35 4.34
C ALA A 216 19.86 1.68 4.30
N LEU A 217 18.51 1.64 4.35
CA LEU A 217 17.72 2.89 4.22
C LEU A 217 17.92 3.77 5.44
N THR A 218 17.92 3.16 6.65
CA THR A 218 18.11 3.98 7.86
C THR A 218 19.52 4.55 7.92
N ALA A 219 20.51 3.76 7.51
CA ALA A 219 21.88 4.31 7.41
C ALA A 219 21.89 5.54 6.44
N ALA A 220 21.26 5.40 5.29
CA ALA A 220 21.20 6.47 4.30
C ALA A 220 20.55 7.72 4.89
N ALA A 221 19.47 7.54 5.65
CA ALA A 221 18.72 8.70 6.18
C ALA A 221 19.59 9.49 7.13
N HIS A 222 20.48 8.80 7.87
CA HIS A 222 21.43 9.54 8.73
C HIS A 222 22.67 10.06 8.02
N ALA A 223 23.11 9.31 7.02
CA ALA A 223 24.28 9.71 6.22
C ALA A 223 23.94 11.00 5.41
N ALA A 224 22.63 11.24 5.20
CA ALA A 224 22.17 12.34 4.32
C ALA A 224 22.53 13.74 4.81
N THR A 225 22.93 13.90 6.08
CA THR A 225 23.48 15.20 6.50
C THR A 225 24.69 15.59 5.64
N ALA A 226 25.37 14.58 5.08
CA ALA A 226 26.59 14.77 4.29
C ALA A 226 26.24 14.77 2.77
N GLY A 227 24.95 14.72 2.48
CA GLY A 227 24.48 14.97 1.09
C GLY A 227 23.92 13.74 0.41
N ALA A 228 23.49 13.91 -0.83
CA ALA A 228 22.70 12.86 -1.47
C ALA A 228 23.59 11.68 -1.86
N GLN A 229 24.80 11.99 -2.36
CA GLN A 229 25.71 10.91 -2.77
C GLN A 229 26.10 10.08 -1.53
N ALA A 230 26.43 10.74 -0.42
CA ALA A 230 26.75 10.00 0.81
C ALA A 230 25.61 9.06 1.21
N ALA A 231 24.38 9.55 1.11
CA ALA A 231 23.21 8.72 1.47
C ALA A 231 23.13 7.49 0.58
N LEU A 232 23.21 7.71 -0.74
CA LEU A 232 23.10 6.56 -1.67
C LEU A 232 24.25 5.57 -1.46
N ASP A 233 25.46 6.10 -1.28
CA ASP A 233 26.64 5.24 -1.15
C ASP A 233 26.53 4.43 0.14
N ALA A 234 25.98 5.06 1.20
CA ALA A 234 25.86 4.32 2.48
C ALA A 234 24.90 3.14 2.32
N ALA A 235 23.77 3.40 1.68
CA ALA A 235 22.74 2.35 1.49
C ALA A 235 23.34 1.23 0.62
N ARG A 236 23.98 1.62 -0.47
CA ARG A 236 24.56 0.61 -1.38
C ARG A 236 25.60 -0.26 -0.63
N ALA A 237 26.38 0.38 0.24
CA ALA A 237 27.41 -0.35 0.94
C ALA A 237 26.81 -1.40 1.85
N VAL A 238 25.71 -1.06 2.53
CA VAL A 238 25.05 -2.02 3.39
C VAL A 238 24.45 -3.17 2.58
N LEU A 239 23.84 -2.86 1.45
CA LEU A 239 23.23 -3.91 0.61
C LEU A 239 24.33 -4.82 0.07
N ASP A 240 25.47 -4.22 -0.31
CA ASP A 240 26.61 -4.97 -0.89
C ASP A 240 27.23 -5.86 0.18
N ALA A 241 27.08 -5.49 1.46
CA ALA A 241 27.60 -6.30 2.56
C ALA A 241 26.75 -7.52 2.88
N ALA A 242 25.54 -7.57 2.33
CA ALA A 242 24.54 -8.57 2.73
C ALA A 242 24.51 -9.77 1.83
N PRO A 243 24.47 -10.94 2.45
CA PRO A 243 24.68 -12.19 1.73
C PRO A 243 23.40 -12.51 1.02
N GLY A 244 23.48 -12.69 -0.29
CA GLY A 244 22.33 -13.23 -1.01
C GLY A 244 21.19 -12.23 -0.97
N VAL A 245 21.56 -10.95 -0.98
CA VAL A 245 20.62 -9.89 -1.31
C VAL A 245 20.99 -9.35 -2.70
N ALA A 246 20.10 -9.49 -3.68
CA ALA A 246 20.41 -9.02 -5.02
C ALA A 246 19.58 -7.75 -5.26
N VAL A 247 20.24 -6.62 -5.47
CA VAL A 247 19.50 -5.34 -5.57
C VAL A 247 18.93 -5.15 -6.98
N ASP A 248 17.64 -4.89 -7.08
CA ASP A 248 16.99 -4.55 -8.34
C ASP A 248 17.12 -3.06 -8.63
N TYR A 249 16.76 -2.23 -7.66
CA TYR A 249 17.05 -0.81 -7.78
C TYR A 249 17.22 -0.16 -6.43
N LEU A 250 17.91 0.98 -6.43
CA LEU A 250 18.09 1.82 -5.23
C LEU A 250 18.08 3.26 -5.78
N GLU A 251 16.97 3.97 -5.55
CA GLU A 251 16.80 5.28 -6.19
C GLU A 251 16.38 6.33 -5.18
N LEU A 252 16.97 7.51 -5.30
CA LEU A 252 16.60 8.66 -4.50
C LEU A 252 15.81 9.62 -5.41
N ARG A 253 14.59 9.98 -4.97
CA ARG A 253 13.69 10.81 -5.78
C ARG A 253 13.08 11.89 -4.88
N ASP A 254 12.36 12.85 -5.47
CA ASP A 254 11.65 13.83 -4.63
C ASP A 254 10.43 13.09 -4.01
N ILE A 255 9.65 13.77 -3.18
CA ILE A 255 8.62 13.02 -2.47
C ILE A 255 7.48 12.62 -3.40
N GLY A 256 7.32 13.29 -4.54
CA GLY A 256 6.32 12.88 -5.55
C GLY A 256 6.90 11.91 -6.61
N LEU A 257 8.12 11.44 -6.35
CA LEU A 257 8.88 10.50 -7.20
C LEU A 257 9.34 11.11 -8.51
N GLY A 258 9.43 12.43 -8.56
CA GLY A 258 10.17 13.11 -9.63
C GLY A 258 11.65 13.13 -9.29
N PRO A 259 12.47 13.83 -10.08
CA PRO A 259 13.90 13.94 -9.81
C PRO A 259 14.21 14.54 -8.43
N MET A 260 15.20 13.99 -7.76
CA MET A 260 15.68 14.54 -6.47
C MET A 260 16.06 16.00 -6.61
N PRO A 261 15.73 16.82 -5.61
CA PRO A 261 16.10 18.24 -5.65
C PRO A 261 17.55 18.36 -5.17
N LEU A 262 18.22 19.47 -5.48
CA LEU A 262 19.60 19.66 -5.03
C LEU A 262 19.68 19.55 -3.50
N ASN A 263 18.90 20.39 -2.84
CA ASN A 263 18.75 20.38 -1.40
C ASN A 263 17.26 20.25 -1.03
N GLY A 264 16.91 19.31 -0.14
CA GLY A 264 15.54 19.25 0.36
C GLY A 264 15.03 17.86 0.75
N SER A 265 13.71 17.70 0.72
CA SER A 265 13.06 16.44 1.08
C SER A 265 13.00 15.46 -0.10
N GLY A 266 13.26 14.20 0.20
CA GLY A 266 13.20 13.18 -0.83
C GLY A 266 12.75 11.84 -0.26
N ARG A 267 12.77 10.83 -1.11
CA ARG A 267 12.40 9.48 -0.67
C ARG A 267 13.40 8.54 -1.30
N LEU A 268 13.95 7.62 -0.52
CA LEU A 268 14.87 6.62 -1.06
C LEU A 268 14.13 5.30 -1.11
N LEU A 269 14.14 4.66 -2.27
CA LEU A 269 13.39 3.40 -2.47
C LEU A 269 14.36 2.28 -2.89
N VAL A 270 14.14 1.10 -2.34
CA VAL A 270 14.92 -0.06 -2.68
C VAL A 270 13.98 -1.22 -3.02
N ALA A 271 14.41 -2.04 -3.99
CA ALA A 271 13.78 -3.31 -4.28
C ALA A 271 14.92 -4.31 -4.38
N ALA A 272 14.78 -5.45 -3.71
CA ALA A 272 15.88 -6.48 -3.72
C ALA A 272 15.28 -7.87 -3.64
N ARG A 273 16.01 -8.86 -4.16
CA ARG A 273 15.55 -10.24 -4.18
C ARG A 273 16.39 -11.04 -3.19
N LEU A 274 15.71 -11.88 -2.42
CA LEU A 274 16.39 -12.85 -1.54
C LEU A 274 15.89 -14.20 -2.03
N GLY A 275 16.77 -14.95 -2.69
CA GLY A 275 16.30 -16.14 -3.41
C GLY A 275 15.21 -15.79 -4.42
N THR A 276 14.02 -16.35 -4.26
CA THR A 276 12.95 -16.06 -5.22
C THR A 276 12.00 -14.94 -4.77
N THR A 277 12.26 -14.34 -3.61
CA THR A 277 11.29 -13.40 -3.03
C THR A 277 11.76 -11.98 -3.21
N ARG A 278 10.91 -11.16 -3.80
CA ARG A 278 11.27 -9.76 -4.04
C ARG A 278 10.70 -8.90 -2.91
N LEU A 279 11.56 -8.12 -2.23
CA LEU A 279 11.11 -7.27 -1.13
C LEU A 279 11.35 -5.79 -1.47
N LEU A 280 10.51 -4.92 -0.92
CA LEU A 280 10.61 -3.48 -1.15
C LEU A 280 10.73 -2.78 0.19
N ASP A 281 11.31 -1.59 0.20
CA ASP A 281 11.25 -0.75 1.38
C ASP A 281 11.55 0.66 0.87
N ASN A 282 11.25 1.64 1.69
CA ASN A 282 11.58 3.03 1.34
C ASN A 282 11.58 3.86 2.62
N ILE A 283 12.21 5.04 2.53
CA ILE A 283 12.31 5.91 3.71
C ILE A 283 12.36 7.37 3.30
N ALA A 284 11.90 8.23 4.19
CA ALA A 284 12.02 9.70 4.00
C ALA A 284 13.51 10.03 4.14
N ILE A 285 13.94 10.96 3.30
CA ILE A 285 15.33 11.45 3.32
C ILE A 285 15.26 12.99 3.36
N GLU A 286 16.09 13.59 4.21
CA GLU A 286 16.19 15.04 4.18
C GLU A 286 17.63 15.30 3.77
N ILE A 287 17.83 15.91 2.61
CA ILE A 287 19.19 15.98 2.06
C ILE A 287 19.88 17.19 2.64
N GLY A 288 21.03 16.94 3.28
CA GLY A 288 21.80 17.97 3.96
C GLY A 288 21.17 18.41 5.27
N THR A 289 20.28 17.55 5.78
CA THR A 289 19.65 17.67 7.10
C THR A 289 19.43 16.24 7.65
S SO4 B . 1.52 -6.69 1.89
O1 SO4 B . 0.30 -6.60 1.10
O2 SO4 B . 2.71 -6.77 1.05
O3 SO4 B . 1.62 -5.56 2.81
O4 SO4 B . 1.51 -7.87 2.75
C1 GOL C . -14.99 9.65 -4.90
O1 GOL C . -14.74 9.11 -6.18
C2 GOL C . -15.61 8.50 -4.16
O2 GOL C . -16.97 8.81 -3.91
C3 GOL C . -14.80 8.27 -2.90
O3 GOL C . -15.34 9.09 -1.88
C1 GOL D . -13.51 -3.42 -16.01
O1 GOL D . -13.44 -2.75 -17.23
C2 GOL D . -14.92 -3.21 -15.43
O2 GOL D . -14.84 -3.52 -14.08
C3 GOL D . -15.98 -4.08 -16.18
O3 GOL D . -15.81 -5.50 -15.98
#